data_5LT9
#
_entry.id   5LT9
#
_cell.length_a   111.729
_cell.length_b   111.729
_cell.length_c   117.551
_cell.angle_alpha   90.000
_cell.angle_beta   90.000
_cell.angle_gamma   120.000
#
_symmetry.space_group_name_H-M   'P 32 2 1'
#
loop_
_entity.id
_entity.type
_entity.pdbx_description
1 polymer 'Methyl-accepting chemotaxis protein PctB'
2 non-polymer ARGININE
3 non-polymer 'SODIUM ION'
4 non-polymer GLYCEROL
5 water water
#
_entity_poly.entity_id   1
_entity_poly.type   'polypeptide(L)'
_entity_poly.pdbx_seq_one_letter_code
;MGSSHHHHHHSSGLVPRGSHMNDSLQRASIREDLEDYLHEMGEITASNVQNWLSGRILLIENLAQTLARDHSPETTQALL
EQPLLGSTFLFTYLGQTDGTYTARPTSDLPADYDPRRRPWYNAATSAGQTTLTEPYMEPAIHELVLTIASPARQGGQPFG
VVGGDLSLQTVVKIINSLDFGGMGYAFLVSGDGKILVHPDKDQVMKSLSDVYPRNTPKIGSGFSEAELHGNTRILSFSPV
KGLSGLDWYIGISVDKDKAYAMLTKLRTSDPNSSSVDKLAAALEHHHHHH
;
_entity_poly.pdbx_strand_id   A,B
#
# COMPACT_ATOMS: atom_id res chain seq x y z
N ARG A 31 -34.86 -18.21 5.13
CA ARG A 31 -35.46 -17.94 3.83
C ARG A 31 -34.39 -17.88 2.75
N GLU A 32 -34.50 -16.89 1.88
CA GLU A 32 -33.50 -16.62 0.85
C GLU A 32 -32.53 -15.53 1.27
N ASP A 33 -32.14 -15.52 2.54
CA ASP A 33 -31.06 -14.66 3.01
C ASP A 33 -29.73 -15.04 2.39
N LEU A 34 -29.64 -16.21 1.74
CA LEU A 34 -28.50 -16.52 0.88
C LEU A 34 -28.31 -15.45 -0.19
N GLU A 35 -29.41 -14.88 -0.68
CA GLU A 35 -29.31 -13.77 -1.63
C GLU A 35 -28.59 -12.58 -1.01
N ASP A 36 -28.83 -12.32 0.27
CA ASP A 36 -28.10 -11.25 0.97
C ASP A 36 -26.62 -11.61 1.07
N TYR A 37 -26.30 -12.89 1.27
CA TYR A 37 -24.91 -13.31 1.36
C TYR A 37 -24.19 -13.13 0.03
N LEU A 38 -24.82 -13.54 -1.07
CA LEU A 38 -24.19 -13.41 -2.39
C LEU A 38 -24.01 -11.95 -2.77
N HIS A 39 -24.88 -11.06 -2.29
CA HIS A 39 -24.73 -9.64 -2.61
C HIS A 39 -23.53 -9.05 -1.88
N GLU A 40 -23.36 -9.36 -0.61
CA GLU A 40 -22.24 -8.81 0.15
C GLU A 40 -20.91 -9.37 -0.35
N MET A 41 -20.84 -10.68 -0.58
CA MET A 41 -19.64 -11.27 -1.12
C MET A 41 -19.31 -10.72 -2.50
N GLY A 42 -20.33 -10.39 -3.29
CA GLY A 42 -20.08 -9.79 -4.60
C GLY A 42 -19.50 -8.39 -4.49
N GLU A 43 -20.02 -7.59 -3.57
CA GLU A 43 -19.50 -6.23 -3.38
C GLU A 43 -18.10 -6.25 -2.79
N ILE A 44 -17.85 -7.14 -1.82
CA ILE A 44 -16.53 -7.22 -1.21
C ILE A 44 -15.50 -7.67 -2.24
N THR A 45 -15.83 -8.69 -3.03
CA THR A 45 -14.92 -9.14 -4.07
C THR A 45 -14.66 -8.06 -5.09
N ALA A 46 -15.73 -7.43 -5.59
CA ALA A 46 -15.57 -6.35 -6.56
C ALA A 46 -14.78 -5.19 -5.98
N SER A 47 -14.92 -4.94 -4.68
CA SER A 47 -14.14 -3.88 -4.05
C SER A 47 -12.68 -4.28 -3.91
N ASN A 48 -12.41 -5.54 -3.55
CA ASN A 48 -11.04 -6.00 -3.39
C ASN A 48 -10.30 -6.04 -4.72
N VAL A 49 -10.99 -6.36 -5.81
CA VAL A 49 -10.34 -6.36 -7.12
C VAL A 49 -10.04 -4.93 -7.55
N GLN A 50 -10.91 -3.98 -7.20
CA GLN A 50 -10.65 -2.58 -7.52
C GLN A 50 -9.42 -2.08 -6.78
N ASN A 51 -9.38 -2.29 -5.46
CA ASN A 51 -8.23 -1.85 -4.68
C ASN A 51 -6.95 -2.55 -5.09
N TRP A 52 -7.08 -3.79 -5.60
CA TRP A 52 -5.90 -4.52 -6.06
C TRP A 52 -5.37 -3.93 -7.36
N LEU A 53 -6.25 -3.56 -8.27
CA LEU A 53 -5.84 -2.96 -9.54
C LEU A 53 -5.43 -1.50 -9.41
N SER A 54 -5.92 -0.81 -8.39
CA SER A 54 -5.60 0.62 -8.24
C SER A 54 -4.12 0.81 -7.96
N GLY A 55 -3.52 -0.06 -7.15
CA GLY A 55 -2.11 0.08 -6.85
C GLY A 55 -1.22 -0.17 -8.04
N ARG A 56 -1.59 -1.14 -8.88
CA ARG A 56 -0.81 -1.42 -10.08
C ARG A 56 -1.01 -0.34 -11.15
N ILE A 57 -2.21 0.23 -11.23
CA ILE A 57 -2.44 1.37 -12.11
C ILE A 57 -1.59 2.57 -11.66
N LEU A 58 -1.38 2.70 -10.35
CA LEU A 58 -0.57 3.81 -9.83
C LEU A 58 0.85 3.76 -10.36
N LEU A 59 1.41 2.55 -10.53
CA LEU A 59 2.78 2.43 -11.03
C LEU A 59 2.87 2.82 -12.50
N ILE A 60 1.95 2.33 -13.33
CA ILE A 60 2.01 2.61 -14.76
C ILE A 60 1.84 4.10 -15.02
N GLU A 61 0.93 4.75 -14.29
CA GLU A 61 0.78 6.20 -14.44
C GLU A 61 2.03 6.93 -13.97
N ASN A 62 2.59 6.54 -12.83
CA ASN A 62 3.82 7.15 -12.35
C ASN A 62 4.96 6.94 -13.34
N LEU A 63 4.99 5.78 -14.00
CA LEU A 63 6.02 5.53 -14.99
C LEU A 63 5.75 6.30 -16.27
N ALA A 64 4.48 6.40 -16.68
CA ALA A 64 4.14 7.13 -17.89
C ALA A 64 4.36 8.63 -17.73
N GLN A 65 4.14 9.16 -16.53
CA GLN A 65 4.39 10.59 -16.30
C GLN A 65 5.87 10.90 -16.23
N THR A 66 6.69 9.95 -15.74
CA THR A 66 8.13 10.16 -15.73
C THR A 66 8.71 10.06 -17.14
N LEU A 67 8.22 9.10 -17.92
CA LEU A 67 8.65 9.00 -19.31
C LEU A 67 8.17 10.20 -20.13
N ALA A 68 7.06 10.83 -19.71
CA ALA A 68 6.63 12.06 -20.37
C ALA A 68 7.67 13.16 -20.20
N ARG A 69 8.35 13.18 -19.05
CA ARG A 69 9.38 14.18 -18.80
C ARG A 69 10.71 13.79 -19.44
N ASP A 70 10.98 12.49 -19.56
CA ASP A 70 12.23 12.01 -20.16
C ASP A 70 12.04 10.58 -20.61
N HIS A 71 12.29 10.32 -21.89
CA HIS A 71 12.13 8.97 -22.45
C HIS A 71 13.31 8.58 -23.32
N SER A 72 14.50 9.12 -23.03
CA SER A 72 15.70 8.72 -23.75
C SER A 72 16.02 7.25 -23.45
N PRO A 73 16.70 6.55 -24.35
CA PRO A 73 16.99 5.13 -24.11
C PRO A 73 17.78 4.89 -22.84
N GLU A 74 18.60 5.85 -22.42
CA GLU A 74 19.33 5.71 -21.16
C GLU A 74 18.37 5.73 -19.97
N THR A 75 17.48 6.72 -19.93
CA THR A 75 16.54 6.82 -18.82
C THR A 75 15.45 5.77 -18.92
N THR A 76 14.95 5.50 -20.13
CA THR A 76 13.91 4.50 -20.30
C THR A 76 14.38 3.13 -19.83
N GLN A 77 15.64 2.79 -20.10
CA GLN A 77 16.19 1.53 -19.62
C GLN A 77 16.18 1.48 -18.10
N ALA A 78 16.74 2.50 -17.45
CA ALA A 78 16.82 2.51 -16.00
C ALA A 78 15.44 2.52 -15.35
N LEU A 79 14.47 3.17 -15.98
CA LEU A 79 13.12 3.24 -15.41
C LEU A 79 12.39 1.91 -15.53
N LEU A 80 12.57 1.22 -16.66
CA LEU A 80 11.81 0.00 -16.88
C LEU A 80 12.30 -1.16 -16.02
N GLU A 81 13.57 -1.16 -15.65
CA GLU A 81 14.12 -2.21 -14.79
C GLU A 81 14.30 -1.63 -13.39
N GLN A 82 13.31 -1.86 -12.52
CA GLN A 82 13.38 -1.48 -11.12
C GLN A 82 12.64 -2.54 -10.32
N PRO A 83 13.10 -2.86 -9.11
CA PRO A 83 12.53 -4.00 -8.38
C PRO A 83 11.03 -3.91 -8.16
N LEU A 84 10.46 -2.71 -8.07
CA LEU A 84 9.03 -2.60 -7.82
C LEU A 84 8.21 -2.99 -9.05
N LEU A 85 8.68 -2.64 -10.24
CA LEU A 85 7.98 -3.02 -11.47
C LEU A 85 8.25 -4.47 -11.84
N GLY A 86 9.46 -4.97 -11.57
CA GLY A 86 9.78 -6.34 -11.96
C GLY A 86 8.99 -7.38 -11.19
N SER A 87 8.81 -7.14 -9.88
CA SER A 87 8.08 -8.08 -9.04
C SER A 87 6.56 -7.91 -9.15
N THR A 88 6.09 -6.89 -9.86
CA THR A 88 4.66 -6.61 -9.98
C THR A 88 4.08 -7.11 -11.29
N PHE A 89 4.79 -6.94 -12.41
CA PHE A 89 4.28 -7.30 -13.73
C PHE A 89 5.24 -8.27 -14.41
N LEU A 90 4.68 -9.11 -15.28
CA LEU A 90 5.50 -10.03 -16.05
C LEU A 90 6.43 -9.27 -16.99
N PHE A 91 5.92 -8.23 -17.64
CA PHE A 91 6.71 -7.38 -18.52
C PHE A 91 6.24 -5.94 -18.39
N THR A 92 7.17 -5.04 -18.11
CA THR A 92 6.91 -3.61 -18.10
C THR A 92 7.63 -2.99 -19.29
N TYR A 93 6.88 -2.28 -20.13
CA TYR A 93 7.42 -1.83 -21.41
C TYR A 93 6.84 -0.47 -21.79
N LEU A 94 7.51 0.16 -22.75
CA LEU A 94 7.06 1.42 -23.35
C LEU A 94 7.02 1.22 -24.86
N GLY A 95 5.81 1.14 -25.42
CA GLY A 95 5.66 1.08 -26.86
C GLY A 95 5.62 2.46 -27.47
N GLN A 96 6.70 2.86 -28.15
CA GLN A 96 6.83 4.22 -28.62
C GLN A 96 6.01 4.43 -29.89
N THR A 97 5.88 5.71 -30.29
CA THR A 97 5.04 6.09 -31.41
C THR A 97 5.69 5.81 -32.76
N ASP A 98 7.02 5.71 -32.82
CA ASP A 98 7.73 5.45 -34.07
C ASP A 98 8.02 3.98 -34.27
N GLY A 99 7.53 3.10 -33.39
CA GLY A 99 7.79 1.68 -33.47
C GLY A 99 8.86 1.18 -32.51
N THR A 100 9.52 2.09 -31.79
CA THR A 100 10.55 1.67 -30.84
C THR A 100 9.91 0.91 -29.68
N TYR A 101 10.52 -0.20 -29.30
CA TYR A 101 10.01 -1.04 -28.22
C TYR A 101 11.13 -1.32 -27.23
N THR A 102 10.88 -1.02 -25.97
CA THR A 102 11.79 -1.33 -24.87
C THR A 102 11.01 -2.00 -23.76
N ALA A 103 11.49 -3.15 -23.29
CA ALA A 103 10.75 -3.94 -22.32
C ALA A 103 11.72 -4.62 -21.36
N ARG A 104 11.27 -4.79 -20.13
CA ARG A 104 12.03 -5.52 -19.12
C ARG A 104 11.12 -6.53 -18.41
N PRO A 105 11.54 -7.81 -18.39
CA PRO A 105 12.78 -8.29 -19.00
C PRO A 105 12.64 -8.55 -20.49
N THR A 106 13.78 -8.64 -21.18
CA THR A 106 13.75 -8.94 -22.61
C THR A 106 13.37 -10.40 -22.84
N SER A 107 12.91 -10.69 -24.05
CA SER A 107 12.47 -12.02 -24.41
C SER A 107 12.50 -12.17 -25.92
N ASP A 108 12.00 -13.30 -26.41
CA ASP A 108 11.98 -13.62 -27.83
C ASP A 108 10.63 -13.21 -28.42
N LEU A 109 10.63 -12.11 -29.15
CA LEU A 109 9.47 -11.65 -29.88
C LEU A 109 9.71 -11.76 -31.38
N PRO A 110 8.67 -11.85 -32.20
CA PRO A 110 8.86 -11.90 -33.64
C PRO A 110 9.65 -10.70 -34.14
N ALA A 111 10.45 -10.93 -35.18
CA ALA A 111 11.31 -9.87 -35.71
C ALA A 111 10.51 -8.70 -36.26
N ASP A 112 9.26 -8.93 -36.67
CA ASP A 112 8.38 -7.88 -37.17
C ASP A 112 7.48 -7.31 -36.08
N TYR A 113 7.88 -7.41 -34.82
CA TYR A 113 7.05 -6.94 -33.71
C TYR A 113 6.91 -5.43 -33.76
N ASP A 114 5.68 -4.96 -33.94
CA ASP A 114 5.38 -3.54 -33.91
C ASP A 114 4.50 -3.27 -32.70
N PRO A 115 4.93 -2.42 -31.77
CA PRO A 115 4.10 -2.17 -30.57
C PRO A 115 2.76 -1.56 -30.90
N ARG A 116 2.66 -0.81 -32.00
CA ARG A 116 1.41 -0.12 -32.32
C ARG A 116 0.32 -1.05 -32.83
N ARG A 117 0.69 -2.23 -33.33
CA ARG A 117 -0.30 -3.21 -33.77
C ARG A 117 -0.76 -4.12 -32.63
N ARG A 118 -0.32 -3.86 -31.41
CA ARG A 118 -0.68 -4.71 -30.28
C ARG A 118 -2.03 -4.30 -29.71
N PRO A 119 -2.77 -5.24 -29.11
CA PRO A 119 -4.08 -4.90 -28.55
C PRO A 119 -4.01 -3.94 -27.37
N TRP A 120 -2.90 -3.92 -26.63
CA TRP A 120 -2.78 -3.00 -25.51
C TRP A 120 -2.46 -1.58 -25.97
N TYR A 121 -1.84 -1.42 -27.12
CA TYR A 121 -1.53 -0.10 -27.63
C TYR A 121 -2.79 0.63 -28.07
N ASN A 122 -3.64 -0.04 -28.86
CA ASN A 122 -4.88 0.58 -29.31
C ASN A 122 -5.87 0.73 -28.16
N ALA A 123 -5.78 -0.12 -27.14
CA ALA A 123 -6.69 -0.02 -26.00
C ALA A 123 -6.45 1.27 -25.22
N ALA A 124 -5.18 1.58 -24.93
CA ALA A 124 -4.87 2.82 -24.22
C ALA A 124 -5.14 4.04 -25.09
N THR A 125 -4.96 3.92 -26.41
CA THR A 125 -5.21 5.05 -27.30
C THR A 125 -6.71 5.31 -27.44
N SER A 126 -7.49 4.25 -27.64
CA SER A 126 -8.94 4.43 -27.80
C SER A 126 -9.60 4.85 -26.50
N ALA A 127 -9.07 4.41 -25.35
CA ALA A 127 -9.65 4.78 -24.07
C ALA A 127 -9.19 6.16 -23.60
N GLY A 128 -8.05 6.64 -24.09
CA GLY A 128 -7.53 7.93 -23.67
C GLY A 128 -7.12 8.02 -22.22
N GLN A 129 -7.02 6.90 -21.53
CA GLN A 129 -6.68 6.88 -20.11
C GLN A 129 -6.13 5.51 -19.77
N THR A 130 -5.77 5.33 -18.49
CA THR A 130 -5.30 4.04 -18.02
C THR A 130 -6.46 3.05 -18.02
N THR A 131 -6.34 1.99 -18.81
CA THR A 131 -7.39 1.00 -18.95
C THR A 131 -6.79 -0.40 -18.87
N LEU A 132 -7.67 -1.39 -18.83
CA LEU A 132 -7.27 -2.79 -18.81
C LEU A 132 -7.68 -3.46 -20.12
N THR A 133 -6.82 -4.30 -20.65
CA THR A 133 -7.12 -5.05 -21.85
C THR A 133 -7.77 -6.38 -21.50
N GLU A 134 -8.66 -6.84 -22.38
CA GLU A 134 -9.22 -8.16 -22.22
C GLU A 134 -8.11 -9.21 -22.36
N PRO A 135 -8.22 -10.35 -21.69
CA PRO A 135 -7.13 -11.33 -21.70
C PRO A 135 -6.81 -11.81 -23.12
N TYR A 136 -5.51 -11.85 -23.42
CA TYR A 136 -5.02 -12.31 -24.72
C TYR A 136 -3.81 -13.19 -24.49
N MET A 137 -3.32 -13.79 -25.59
CA MET A 137 -2.17 -14.67 -25.52
C MET A 137 -0.88 -13.85 -25.54
N GLU A 138 -0.09 -13.98 -24.49
CA GLU A 138 1.20 -13.31 -24.43
C GLU A 138 2.15 -13.98 -25.42
N PRO A 139 2.75 -13.24 -26.35
CA PRO A 139 3.49 -13.90 -27.44
C PRO A 139 4.79 -14.56 -26.99
N ALA A 140 5.40 -14.10 -25.90
CA ALA A 140 6.69 -14.64 -25.47
C ALA A 140 6.53 -15.87 -24.58
N ILE A 141 5.67 -15.79 -23.56
CA ILE A 141 5.51 -16.88 -22.61
C ILE A 141 4.31 -17.77 -22.92
N HIS A 142 3.48 -17.41 -23.90
CA HIS A 142 2.37 -18.25 -24.36
C HIS A 142 1.40 -18.57 -23.23
N GLU A 143 0.77 -17.52 -22.72
N GLU A 143 0.81 -17.53 -22.68
CA GLU A 143 -0.12 -17.61 -21.57
CA GLU A 143 -0.25 -17.72 -21.69
C GLU A 143 -1.07 -16.42 -21.59
C GLU A 143 -1.08 -16.46 -21.62
N LEU A 144 -2.26 -16.60 -21.02
CA LEU A 144 -3.23 -15.50 -20.97
C LEU A 144 -2.78 -14.43 -19.99
N VAL A 145 -2.76 -13.18 -20.46
CA VAL A 145 -2.36 -12.04 -19.63
C VAL A 145 -3.34 -10.90 -19.86
N LEU A 146 -3.48 -10.06 -18.84
CA LEU A 146 -4.21 -8.80 -18.94
C LEU A 146 -3.22 -7.66 -18.74
N THR A 147 -3.32 -6.64 -19.58
CA THR A 147 -2.34 -5.57 -19.63
C THR A 147 -2.95 -4.26 -19.13
N ILE A 148 -2.25 -3.60 -18.22
CA ILE A 148 -2.56 -2.24 -17.82
C ILE A 148 -1.77 -1.31 -18.74
N ALA A 149 -2.47 -0.40 -19.41
CA ALA A 149 -1.83 0.47 -20.39
C ALA A 149 -2.30 1.91 -20.22
N SER A 150 -1.37 2.84 -20.31
CA SER A 150 -1.65 4.27 -20.24
C SER A 150 -1.06 4.98 -21.45
N PRO A 151 -1.78 5.95 -22.02
CA PRO A 151 -1.21 6.76 -23.10
C PRO A 151 -0.16 7.71 -22.53
N ALA A 152 1.07 7.59 -23.02
CA ALA A 152 2.17 8.44 -22.60
C ALA A 152 2.20 9.68 -23.47
N ARG A 153 1.89 10.84 -22.89
CA ARG A 153 1.79 12.09 -23.62
C ARG A 153 2.53 13.19 -22.88
N GLN A 154 2.86 14.24 -23.62
CA GLN A 154 3.47 15.44 -23.06
C GLN A 154 2.70 16.65 -23.59
N GLY A 155 1.60 16.98 -22.92
CA GLY A 155 0.75 18.07 -23.34
C GLY A 155 -0.09 17.74 -24.54
N GLY A 156 -0.76 16.59 -24.52
CA GLY A 156 -1.57 16.19 -25.66
C GLY A 156 -0.79 15.74 -26.87
N GLN A 157 0.53 15.57 -26.74
CA GLN A 157 1.39 15.08 -27.82
C GLN A 157 1.86 13.68 -27.45
N PRO A 158 1.11 12.63 -27.78
CA PRO A 158 1.48 11.29 -27.34
C PRO A 158 2.72 10.79 -28.06
N PHE A 159 3.71 10.35 -27.28
CA PHE A 159 4.93 9.78 -27.81
C PHE A 159 5.01 8.27 -27.66
N GLY A 160 4.05 7.65 -26.98
CA GLY A 160 4.08 6.22 -26.81
C GLY A 160 2.99 5.78 -25.84
N VAL A 161 3.03 4.49 -25.52
CA VAL A 161 2.07 3.87 -24.60
C VAL A 161 2.85 2.98 -23.64
N VAL A 162 2.71 3.25 -22.35
CA VAL A 162 3.35 2.44 -21.30
C VAL A 162 2.41 1.29 -20.95
N GLY A 163 2.99 0.11 -20.75
CA GLY A 163 2.19 -1.07 -20.50
C GLY A 163 2.82 -1.97 -19.46
N GLY A 164 1.97 -2.73 -18.77
CA GLY A 164 2.41 -3.72 -17.81
C GLY A 164 1.54 -4.96 -17.86
N ASP A 165 2.14 -6.14 -17.84
CA ASP A 165 1.42 -7.39 -18.05
C ASP A 165 1.11 -8.06 -16.72
N LEU A 166 -0.14 -8.47 -16.55
CA LEU A 166 -0.58 -9.28 -15.43
C LEU A 166 -1.19 -10.56 -15.98
N SER A 167 -0.67 -11.71 -15.55
CA SER A 167 -1.20 -12.97 -16.01
C SER A 167 -2.65 -13.13 -15.58
N LEU A 168 -3.46 -13.73 -16.45
CA LEU A 168 -4.85 -14.02 -16.11
C LEU A 168 -4.93 -14.91 -14.87
N GLN A 169 -3.92 -15.75 -14.65
N GLN A 169 -3.91 -15.74 -14.64
CA GLN A 169 -3.92 -16.63 -13.47
CA GLN A 169 -3.93 -16.63 -13.48
C GLN A 169 -3.80 -15.82 -12.18
C GLN A 169 -3.74 -15.86 -12.17
N THR A 170 -3.02 -14.73 -12.21
CA THR A 170 -2.91 -13.89 -11.03
C THR A 170 -4.27 -13.29 -10.67
N VAL A 171 -4.96 -12.75 -11.67
CA VAL A 171 -6.26 -12.11 -11.42
C VAL A 171 -7.26 -13.11 -10.87
N VAL A 172 -7.29 -14.32 -11.47
CA VAL A 172 -8.20 -15.36 -11.01
C VAL A 172 -7.99 -15.64 -9.52
N LYS A 173 -6.73 -15.66 -9.08
CA LYS A 173 -6.43 -15.86 -7.67
C LYS A 173 -6.98 -14.72 -6.82
N ILE A 174 -6.98 -13.51 -7.35
CA ILE A 174 -7.48 -12.36 -6.59
C ILE A 174 -9.00 -12.34 -6.55
N ILE A 175 -9.66 -12.79 -7.62
CA ILE A 175 -11.12 -12.84 -7.63
C ILE A 175 -11.63 -13.78 -6.55
N ASN A 176 -10.94 -14.91 -6.37
CA ASN A 176 -11.36 -15.93 -5.41
C ASN A 176 -10.59 -15.86 -4.10
N SER A 177 -10.04 -14.69 -3.77
CA SER A 177 -9.33 -14.54 -2.50
C SER A 177 -10.25 -14.67 -1.30
N LEU A 178 -11.54 -14.40 -1.48
CA LEU A 178 -12.49 -14.59 -0.39
C LEU A 178 -12.69 -16.08 -0.12
N ASP A 179 -13.19 -16.38 1.08
CA ASP A 179 -13.38 -17.75 1.52
C ASP A 179 -14.84 -18.14 1.35
N PHE A 180 -15.11 -18.95 0.34
CA PHE A 180 -16.41 -19.59 0.19
C PHE A 180 -16.41 -20.94 0.92
N GLY A 181 -17.60 -21.49 1.09
CA GLY A 181 -17.73 -22.78 1.77
C GLY A 181 -17.59 -23.95 0.81
N GLY A 182 -16.76 -23.79 -0.21
CA GLY A 182 -16.58 -24.83 -1.21
C GLY A 182 -17.80 -24.99 -2.08
N MET A 183 -18.74 -24.06 -1.93
CA MET A 183 -20.01 -24.13 -2.65
C MET A 183 -19.99 -23.37 -3.96
N GLY A 184 -19.00 -22.51 -4.18
CA GLY A 184 -18.98 -21.73 -5.41
C GLY A 184 -17.64 -21.06 -5.61
N TYR A 185 -17.58 -20.25 -6.66
CA TYR A 185 -16.37 -19.55 -7.04
C TYR A 185 -16.76 -18.14 -7.49
N ALA A 186 -15.80 -17.40 -8.03
CA ALA A 186 -16.03 -16.05 -8.50
C ALA A 186 -15.25 -15.81 -9.77
N PHE A 187 -15.90 -15.19 -10.76
CA PHE A 187 -15.29 -14.91 -12.05
C PHE A 187 -15.56 -13.46 -12.43
N LEU A 188 -14.85 -13.01 -13.47
CA LEU A 188 -14.97 -11.64 -13.97
C LEU A 188 -15.57 -11.67 -15.37
N VAL A 189 -16.66 -10.93 -15.55
CA VAL A 189 -17.36 -10.88 -16.83
C VAL A 189 -17.60 -9.42 -17.20
N SER A 190 -17.62 -9.15 -18.50
CA SER A 190 -17.85 -7.80 -18.99
C SER A 190 -19.35 -7.51 -19.01
N GLY A 191 -19.69 -6.27 -19.41
CA GLY A 191 -21.09 -5.90 -19.48
C GLY A 191 -21.84 -6.59 -20.60
N ASP A 192 -21.13 -6.97 -21.67
CA ASP A 192 -21.76 -7.65 -22.80
C ASP A 192 -21.93 -9.15 -22.56
N GLY A 193 -21.37 -9.69 -21.47
CA GLY A 193 -21.52 -11.09 -21.17
C GLY A 193 -20.35 -11.97 -21.55
N LYS A 194 -19.18 -11.41 -21.82
CA LYS A 194 -18.00 -12.17 -22.18
C LYS A 194 -17.16 -12.42 -20.94
N ILE A 195 -17.03 -13.69 -20.56
CA ILE A 195 -16.27 -14.04 -19.36
C ILE A 195 -14.80 -13.72 -19.59
N LEU A 196 -14.24 -12.84 -18.75
CA LEU A 196 -12.86 -12.40 -18.92
C LEU A 196 -11.90 -13.38 -18.27
N VAL A 197 -11.82 -13.36 -16.94
CA VAL A 197 -11.01 -14.31 -16.21
C VAL A 197 -11.93 -15.30 -15.51
N HIS A 198 -11.48 -16.56 -15.42
CA HIS A 198 -12.32 -17.62 -14.92
C HIS A 198 -11.44 -18.76 -14.43
N PRO A 199 -11.77 -19.41 -13.31
CA PRO A 199 -10.95 -20.56 -12.87
C PRO A 199 -10.93 -21.69 -13.87
N ASP A 200 -12.03 -21.91 -14.59
CA ASP A 200 -12.06 -22.89 -15.68
C ASP A 200 -11.48 -22.23 -16.94
N LYS A 201 -10.38 -22.79 -17.44
CA LYS A 201 -9.71 -22.21 -18.60
C LYS A 201 -10.54 -22.29 -19.87
N ASP A 202 -11.60 -23.10 -19.89
CA ASP A 202 -12.40 -23.24 -21.10
C ASP A 202 -13.34 -22.05 -21.30
N GLN A 203 -13.98 -21.58 -20.24
CA GLN A 203 -14.97 -20.52 -20.33
C GLN A 203 -14.37 -19.14 -20.50
N VAL A 204 -13.05 -19.03 -20.58
CA VAL A 204 -12.40 -17.73 -20.75
C VAL A 204 -12.70 -17.20 -22.16
N MET A 205 -13.09 -15.94 -22.23
CA MET A 205 -13.43 -15.21 -23.46
C MET A 205 -14.67 -15.75 -24.16
N LYS A 206 -15.32 -16.77 -23.62
CA LYS A 206 -16.57 -17.27 -24.17
C LYS A 206 -17.75 -16.51 -23.58
N SER A 207 -18.79 -16.37 -24.39
CA SER A 207 -19.95 -15.59 -23.97
C SER A 207 -20.68 -16.29 -22.83
N LEU A 208 -21.45 -15.49 -22.08
CA LEU A 208 -22.29 -16.04 -21.02
C LEU A 208 -23.37 -16.96 -21.57
N SER A 209 -23.71 -16.81 -22.85
CA SER A 209 -24.68 -17.70 -23.49
C SER A 209 -24.06 -19.03 -23.87
N ASP A 210 -22.76 -19.04 -24.18
CA ASP A 210 -22.10 -20.28 -24.59
C ASP A 210 -21.98 -21.26 -23.43
N VAL A 211 -21.57 -20.76 -22.26
CA VAL A 211 -21.39 -21.64 -21.11
C VAL A 211 -22.74 -22.06 -20.54
N TYR A 212 -23.71 -21.13 -20.50
CA TYR A 212 -25.07 -21.41 -20.04
C TYR A 212 -26.01 -21.23 -21.23
N PRO A 213 -26.28 -22.31 -21.98
CA PRO A 213 -27.12 -22.15 -23.18
C PRO A 213 -28.58 -21.82 -22.86
N ARG A 214 -29.16 -22.50 -21.87
CA ARG A 214 -30.56 -22.29 -21.52
C ARG A 214 -30.67 -21.45 -20.25
N ASN A 215 -31.62 -20.52 -20.25
CA ASN A 215 -31.83 -19.58 -19.15
C ASN A 215 -30.52 -18.88 -18.78
N THR A 216 -29.97 -18.19 -19.78
CA THR A 216 -28.69 -17.52 -19.61
C THR A 216 -28.80 -16.46 -18.53
N PRO A 217 -27.88 -16.40 -17.57
CA PRO A 217 -27.96 -15.39 -16.50
C PRO A 217 -27.86 -13.98 -17.07
N LYS A 218 -28.61 -13.07 -16.45
CA LYS A 218 -28.63 -11.67 -16.87
C LYS A 218 -27.58 -10.87 -16.11
N ILE A 219 -26.91 -9.96 -16.83
CA ILE A 219 -25.92 -9.11 -16.21
C ILE A 219 -26.60 -8.10 -15.28
N GLY A 220 -26.02 -7.93 -14.10
CA GLY A 220 -26.61 -7.05 -13.10
C GLY A 220 -27.55 -7.80 -12.18
N SER A 221 -28.27 -7.02 -11.37
CA SER A 221 -29.28 -7.56 -10.49
C SER A 221 -30.41 -8.20 -11.32
N GLY A 222 -30.98 -9.30 -10.83
CA GLY A 222 -30.54 -9.91 -9.59
C GLY A 222 -29.91 -11.28 -9.78
N PHE A 223 -30.40 -12.26 -9.04
CA PHE A 223 -29.83 -13.59 -9.02
C PHE A 223 -30.54 -14.49 -10.03
N SER A 224 -29.76 -15.29 -10.74
CA SER A 224 -30.27 -16.15 -11.80
C SER A 224 -29.97 -17.61 -11.48
N GLU A 225 -30.85 -18.49 -11.93
CA GLU A 225 -30.65 -19.93 -11.81
C GLU A 225 -30.27 -20.50 -13.18
N ALA A 226 -29.30 -21.41 -13.17
CA ALA A 226 -28.85 -22.07 -14.39
C ALA A 226 -28.28 -23.42 -14.03
N GLU A 227 -27.98 -24.20 -15.07
CA GLU A 227 -27.42 -25.54 -14.91
C GLU A 227 -26.11 -25.63 -15.67
N LEU A 228 -25.07 -26.16 -15.01
CA LEU A 228 -23.77 -26.33 -15.62
C LEU A 228 -23.22 -27.71 -15.24
N HIS A 229 -23.01 -28.57 -16.24
CA HIS A 229 -22.51 -29.92 -16.04
C HIS A 229 -23.41 -30.71 -15.09
N GLY A 230 -24.72 -30.50 -15.20
CA GLY A 230 -25.66 -31.20 -14.35
C GLY A 230 -25.70 -30.73 -12.93
N ASN A 231 -25.25 -29.51 -12.66
CA ASN A 231 -25.23 -28.95 -11.31
C ASN A 231 -26.08 -27.68 -11.30
N THR A 232 -27.08 -27.65 -10.42
CA THR A 232 -27.92 -26.47 -10.29
C THR A 232 -27.12 -25.33 -9.67
N ARG A 233 -27.04 -24.21 -10.37
CA ARG A 233 -26.15 -23.11 -10.00
C ARG A 233 -26.94 -21.81 -9.88
N ILE A 234 -26.49 -20.97 -8.95
CA ILE A 234 -27.07 -19.65 -8.73
C ILE A 234 -25.99 -18.61 -9.00
N LEU A 235 -26.26 -17.68 -9.90
CA LEU A 235 -25.29 -16.68 -10.31
C LEU A 235 -25.74 -15.29 -9.87
N SER A 236 -24.77 -14.50 -9.41
CA SER A 236 -24.98 -13.11 -9.02
C SER A 236 -23.86 -12.26 -9.61
N PHE A 237 -24.17 -11.00 -9.87
CA PHE A 237 -23.22 -10.09 -10.52
C PHE A 237 -23.18 -8.78 -9.76
N SER A 238 -21.98 -8.39 -9.33
CA SER A 238 -21.72 -7.10 -8.72
C SER A 238 -20.73 -6.32 -9.57
N PRO A 239 -21.05 -5.09 -9.97
CA PRO A 239 -20.15 -4.36 -10.87
C PRO A 239 -18.88 -3.92 -10.15
N VAL A 240 -17.77 -3.92 -10.88
CA VAL A 240 -16.49 -3.45 -10.36
C VAL A 240 -16.49 -1.93 -10.50
N LYS A 241 -16.78 -1.24 -9.39
CA LYS A 241 -16.77 0.21 -9.41
C LYS A 241 -15.35 0.75 -9.49
N GLY A 242 -15.22 1.94 -10.09
CA GLY A 242 -13.95 2.63 -10.12
C GLY A 242 -13.07 2.37 -11.32
N LEU A 243 -13.47 1.46 -12.22
CA LEU A 243 -12.71 1.19 -13.44
C LEU A 243 -13.16 2.16 -14.53
N SER A 244 -12.38 3.22 -14.75
CA SER A 244 -12.73 4.23 -15.73
C SER A 244 -12.64 3.64 -17.13
N GLY A 245 -13.76 3.71 -17.86
CA GLY A 245 -13.82 3.23 -19.23
C GLY A 245 -14.33 1.81 -19.39
N LEU A 246 -14.55 1.09 -18.29
CA LEU A 246 -14.98 -0.30 -18.36
C LEU A 246 -16.09 -0.55 -17.34
N ASP A 247 -17.07 -1.36 -17.73
CA ASP A 247 -18.10 -1.83 -16.81
C ASP A 247 -17.91 -3.35 -16.69
N TRP A 248 -17.09 -3.76 -15.73
CA TRP A 248 -16.81 -5.17 -15.49
C TRP A 248 -17.53 -5.61 -14.23
N TYR A 249 -18.09 -6.82 -14.28
CA TYR A 249 -18.90 -7.36 -13.20
C TYR A 249 -18.22 -8.58 -12.60
N ILE A 250 -18.28 -8.70 -11.28
CA ILE A 250 -17.80 -9.88 -10.58
C ILE A 250 -18.95 -10.87 -10.51
N GLY A 251 -18.81 -12.00 -11.22
CA GLY A 251 -19.83 -13.02 -11.21
C GLY A 251 -19.53 -14.06 -10.14
N ILE A 252 -20.53 -14.37 -9.33
CA ILE A 252 -20.42 -15.36 -8.26
C ILE A 252 -21.35 -16.50 -8.60
N SER A 253 -20.78 -17.67 -8.90
CA SER A 253 -21.52 -18.85 -9.29
C SER A 253 -21.39 -19.90 -8.19
N VAL A 254 -22.50 -20.17 -7.49
CA VAL A 254 -22.49 -21.05 -6.33
C VAL A 254 -23.40 -22.24 -6.60
N ASP A 255 -23.01 -23.39 -6.04
CA ASP A 255 -23.85 -24.58 -6.10
C ASP A 255 -25.10 -24.36 -5.26
N LYS A 256 -26.27 -24.59 -5.86
CA LYS A 256 -27.53 -24.33 -5.15
C LYS A 256 -27.70 -25.27 -3.96
N ASP A 257 -27.60 -26.57 -4.20
CA ASP A 257 -27.81 -27.54 -3.12
C ASP A 257 -26.72 -27.41 -2.05
N LYS A 258 -25.48 -27.17 -2.46
CA LYS A 258 -24.38 -27.06 -1.51
C LYS A 258 -24.49 -25.79 -0.67
N ALA A 259 -25.11 -24.74 -1.22
CA ALA A 259 -25.23 -23.48 -0.49
C ALA A 259 -26.34 -23.51 0.54
N TYR A 260 -27.38 -24.31 0.32
CA TYR A 260 -28.51 -24.34 1.23
C TYR A 260 -28.22 -25.08 2.53
N ALA A 261 -27.02 -25.64 2.70
CA ALA A 261 -26.58 -26.10 4.01
C ALA A 261 -26.24 -24.87 4.84
N MET A 262 -27.16 -24.47 5.70
N MET A 262 -27.14 -24.49 5.72
CA MET A 262 -27.04 -23.23 6.46
CA MET A 262 -27.04 -23.23 6.46
C MET A 262 -26.68 -23.52 7.91
C MET A 262 -26.84 -23.50 7.95
N LEU A 263 -26.41 -22.45 8.65
CA LEU A 263 -26.14 -22.53 10.07
C LEU A 263 -27.43 -22.65 10.87
N THR A 264 -27.30 -22.73 12.19
CA THR A 264 -28.45 -22.86 13.07
C THR A 264 -29.36 -21.64 13.00
N GLU B 32 -11.41 -0.13 34.87
CA GLU B 32 -10.26 -0.87 35.35
C GLU B 32 -9.63 -1.67 34.21
N ASP B 33 -10.42 -1.96 33.19
CA ASP B 33 -9.95 -2.69 32.02
C ASP B 33 -9.16 -1.77 31.10
N LEU B 34 -8.64 -0.67 31.65
CA LEU B 34 -7.84 0.26 30.87
C LEU B 34 -6.62 -0.42 30.26
N GLU B 35 -6.08 -1.44 30.93
CA GLU B 35 -4.96 -2.18 30.38
C GLU B 35 -5.36 -2.95 29.13
N ASP B 36 -6.61 -3.40 29.05
CA ASP B 36 -7.11 -3.99 27.82
C ASP B 36 -7.31 -2.93 26.74
N TYR B 37 -7.60 -1.69 27.14
CA TYR B 37 -7.78 -0.60 26.18
C TYR B 37 -6.45 -0.10 25.67
N LEU B 38 -5.45 0.04 26.55
CA LEU B 38 -4.17 0.62 26.14
C LEU B 38 -3.33 -0.37 25.34
N HIS B 39 -3.32 -1.64 25.75
N HIS B 39 -3.30 -1.65 25.77
CA HIS B 39 -2.54 -2.64 25.02
CA HIS B 39 -2.55 -2.65 25.03
C HIS B 39 -3.12 -2.91 23.63
C HIS B 39 -3.11 -2.85 23.63
N GLU B 40 -4.41 -2.68 23.45
CA GLU B 40 -5.02 -2.81 22.13
C GLU B 40 -4.89 -1.51 21.34
N MET B 41 -5.03 -0.37 22.02
CA MET B 41 -4.90 0.92 21.33
C MET B 41 -3.46 1.17 20.89
N GLY B 42 -2.49 0.89 21.75
CA GLY B 42 -1.09 1.02 21.34
C GLY B 42 -0.68 0.02 20.27
N GLU B 43 -1.37 -1.10 20.17
CA GLU B 43 -1.08 -2.07 19.13
C GLU B 43 -1.61 -1.63 17.78
N ILE B 44 -2.77 -0.96 17.75
CA ILE B 44 -3.32 -0.44 16.50
C ILE B 44 -2.49 0.73 16.00
N THR B 45 -2.09 1.63 16.90
CA THR B 45 -1.26 2.76 16.51
C THR B 45 0.06 2.29 15.90
N ALA B 46 0.67 1.27 16.50
CA ALA B 46 1.91 0.73 15.95
C ALA B 46 1.69 0.13 14.57
N SER B 47 0.53 -0.51 14.36
CA SER B 47 0.22 -1.04 13.04
C SER B 47 -0.07 0.08 12.04
N ASN B 48 -0.64 1.19 12.49
CA ASN B 48 -0.83 2.33 11.61
C ASN B 48 0.50 2.92 11.17
N VAL B 49 1.43 3.07 12.11
CA VAL B 49 2.75 3.59 11.77
C VAL B 49 3.50 2.60 10.86
N GLN B 50 3.33 1.31 11.12
CA GLN B 50 3.98 0.29 10.29
C GLN B 50 3.51 0.37 8.84
N ASN B 51 2.18 0.41 8.64
CA ASN B 51 1.65 0.47 7.28
C ASN B 51 1.96 1.79 6.60
N TRP B 52 2.12 2.86 7.38
CA TRP B 52 2.42 4.16 6.78
C TRP B 52 3.88 4.28 6.37
N LEU B 53 4.78 3.66 7.12
CA LEU B 53 6.20 3.70 6.79
C LEU B 53 6.61 2.63 5.78
N SER B 54 5.86 1.53 5.69
CA SER B 54 6.29 0.40 4.85
C SER B 54 6.37 0.82 3.38
N GLY B 55 5.30 1.43 2.86
CA GLY B 55 5.31 1.85 1.47
C GLY B 55 6.35 2.91 1.16
N ARG B 56 6.61 3.79 2.12
CA ARG B 56 7.61 4.83 1.93
C ARG B 56 9.03 4.28 1.99
N ILE B 57 9.27 3.27 2.84
CA ILE B 57 10.55 2.58 2.82
C ILE B 57 10.75 1.88 1.48
N LEU B 58 9.67 1.35 0.90
CA LEU B 58 9.78 0.65 -0.38
C LEU B 58 10.15 1.61 -1.50
N LEU B 59 9.60 2.82 -1.50
CA LEU B 59 9.89 3.78 -2.56
C LEU B 59 11.36 4.18 -2.56
N ILE B 60 11.94 4.38 -1.37
CA ILE B 60 13.35 4.74 -1.30
C ILE B 60 14.22 3.53 -1.62
N GLU B 61 13.88 2.36 -1.08
CA GLU B 61 14.66 1.16 -1.35
C GLU B 61 14.57 0.76 -2.81
N ASN B 62 13.42 0.97 -3.45
CA ASN B 62 13.33 0.73 -4.89
C ASN B 62 14.14 1.76 -5.68
N LEU B 63 14.15 3.01 -5.20
CA LEU B 63 14.94 4.04 -5.87
C LEU B 63 16.43 3.80 -5.69
N ALA B 64 16.84 3.26 -4.54
CA ALA B 64 18.25 2.97 -4.30
C ALA B 64 18.76 1.90 -5.25
N GLN B 65 17.93 0.93 -5.62
CA GLN B 65 18.31 -0.11 -6.56
C GLN B 65 18.05 0.27 -8.01
N THR B 66 17.34 1.38 -8.25
CA THR B 66 17.11 1.83 -9.62
C THR B 66 18.30 2.63 -10.14
N LEU B 67 18.89 3.47 -9.29
CA LEU B 67 20.09 4.22 -9.66
C LEU B 67 21.28 3.28 -9.79
N ALA B 68 22.16 3.61 -10.74
CA ALA B 68 23.38 2.85 -10.98
C ALA B 68 24.59 3.74 -10.69
N ARG B 69 25.78 3.21 -10.97
CA ARG B 69 27.01 3.88 -10.58
C ARG B 69 27.19 5.21 -11.32
N ASP B 70 27.15 5.17 -12.65
N ASP B 70 27.14 5.18 -12.65
CA ASP B 70 27.38 6.36 -13.46
CA ASP B 70 27.38 6.38 -13.44
C ASP B 70 26.51 6.34 -14.71
C ASP B 70 26.51 6.33 -14.70
N HIS B 71 25.38 7.01 -14.65
CA HIS B 71 24.61 7.38 -15.82
C HIS B 71 24.38 8.88 -15.76
N SER B 72 23.92 9.45 -16.88
CA SER B 72 23.90 10.89 -17.02
C SER B 72 23.12 11.54 -15.88
N PRO B 73 23.56 12.69 -15.37
CA PRO B 73 22.78 13.39 -14.34
C PRO B 73 21.40 13.79 -14.80
N GLU B 74 21.17 13.90 -16.12
CA GLU B 74 19.82 14.09 -16.63
C GLU B 74 18.94 12.88 -16.34
N THR B 75 19.53 11.68 -16.32
CA THR B 75 18.78 10.50 -15.93
C THR B 75 18.55 10.46 -14.42
N THR B 76 19.58 10.80 -13.64
CA THR B 76 19.42 10.89 -12.19
C THR B 76 18.38 11.92 -11.82
N GLN B 77 18.33 13.05 -12.55
CA GLN B 77 17.30 14.04 -12.32
C GLN B 77 15.91 13.47 -12.61
N ALA B 78 15.76 12.79 -13.75
CA ALA B 78 14.46 12.23 -14.11
C ALA B 78 14.04 11.13 -13.15
N LEU B 79 14.99 10.42 -12.56
CA LEU B 79 14.67 9.38 -11.60
C LEU B 79 14.23 9.95 -10.26
N LEU B 80 14.81 11.08 -9.84
CA LEU B 80 14.48 11.65 -8.53
C LEU B 80 13.19 12.45 -8.55
N GLU B 81 12.80 12.99 -9.71
CA GLU B 81 11.65 13.88 -9.79
C GLU B 81 10.40 13.18 -10.31
N GLN B 82 10.37 11.85 -10.31
CA GLN B 82 9.17 11.15 -10.71
C GLN B 82 8.05 11.46 -9.73
N PRO B 83 6.80 11.60 -10.21
CA PRO B 83 5.75 12.21 -9.38
C PRO B 83 5.43 11.45 -8.11
N LEU B 84 5.63 10.13 -8.08
CA LEU B 84 5.32 9.38 -6.87
C LEU B 84 6.27 9.72 -5.74
N LEU B 85 7.49 10.16 -6.06
CA LEU B 85 8.44 10.54 -5.02
C LEU B 85 8.21 11.97 -4.55
N GLY B 86 8.00 12.91 -5.49
CA GLY B 86 7.73 14.28 -5.09
C GLY B 86 6.43 14.44 -4.34
N SER B 87 5.45 13.57 -4.61
CA SER B 87 4.18 13.64 -3.90
C SER B 87 4.30 13.09 -2.48
N THR B 88 5.27 12.22 -2.24
CA THR B 88 5.41 11.54 -0.96
C THR B 88 6.40 12.22 -0.02
N PHE B 89 7.57 12.62 -0.53
CA PHE B 89 8.65 13.10 0.32
C PHE B 89 8.86 14.60 0.14
N LEU B 90 9.32 15.25 1.21
CA LEU B 90 9.71 16.65 1.14
C LEU B 90 10.84 16.83 0.13
N PHE B 91 11.88 16.02 0.23
CA PHE B 91 13.01 16.05 -0.68
C PHE B 91 13.43 14.63 -1.02
N THR B 92 13.79 14.42 -2.28
CA THR B 92 14.31 13.13 -2.76
C THR B 92 15.68 13.38 -3.36
N TYR B 93 16.69 12.67 -2.87
CA TYR B 93 18.07 13.03 -3.20
C TYR B 93 18.97 11.80 -3.21
N LEU B 94 20.15 11.99 -3.79
CA LEU B 94 21.19 10.96 -3.84
C LEU B 94 22.52 11.63 -3.52
N GLY B 95 23.12 11.25 -2.39
CA GLY B 95 24.46 11.67 -2.05
C GLY B 95 25.44 10.59 -2.44
N GLN B 96 26.56 10.99 -3.01
CA GLN B 96 27.55 10.05 -3.53
C GLN B 96 28.82 10.08 -2.68
N THR B 97 29.65 9.06 -2.88
CA THR B 97 30.85 8.89 -2.08
C THR B 97 31.91 9.96 -2.36
N ASP B 98 31.84 10.62 -3.52
CA ASP B 98 32.81 11.65 -3.87
C ASP B 98 32.36 13.04 -3.47
N GLY B 99 31.21 13.18 -2.83
CA GLY B 99 30.72 14.46 -2.36
C GLY B 99 29.65 15.10 -3.22
N THR B 100 29.41 14.61 -4.43
CA THR B 100 28.39 15.19 -5.28
C THR B 100 27.00 14.95 -4.70
N TYR B 101 26.08 15.84 -5.03
CA TYR B 101 24.76 15.81 -4.42
C TYR B 101 23.72 16.28 -5.44
N THR B 102 22.64 15.52 -5.57
CA THR B 102 21.55 15.86 -6.48
C THR B 102 20.23 15.61 -5.76
N ALA B 103 19.31 16.58 -5.83
CA ALA B 103 18.11 16.48 -5.03
C ALA B 103 16.94 17.16 -5.74
N ARG B 104 15.74 16.71 -5.38
CA ARG B 104 14.51 17.23 -5.96
C ARG B 104 13.42 17.31 -4.89
N PRO B 105 12.81 18.51 -4.72
CA PRO B 105 13.12 19.73 -5.46
C PRO B 105 14.38 20.42 -4.95
N THR B 106 14.94 21.31 -5.76
CA THR B 106 16.11 22.06 -5.35
C THR B 106 15.74 23.06 -4.25
N SER B 107 16.66 23.28 -3.32
CA SER B 107 16.49 24.30 -2.30
C SER B 107 17.85 24.89 -1.97
N ASP B 108 17.85 25.89 -1.09
CA ASP B 108 19.06 26.61 -0.70
C ASP B 108 19.67 25.94 0.52
N LEU B 109 20.77 25.25 0.32
CA LEU B 109 21.52 24.57 1.38
C LEU B 109 22.75 25.36 1.75
N PRO B 110 23.33 25.10 2.93
CA PRO B 110 24.56 25.79 3.32
C PRO B 110 25.68 25.57 2.31
N ALA B 111 26.62 26.52 2.27
CA ALA B 111 27.70 26.45 1.30
C ALA B 111 28.66 25.29 1.61
N ASP B 112 28.80 24.93 2.88
CA ASP B 112 29.66 23.82 3.28
C ASP B 112 28.92 22.49 3.29
N TYR B 113 27.79 22.41 2.59
CA TYR B 113 27.00 21.18 2.58
C TYR B 113 27.78 20.05 1.94
N ASP B 114 28.04 19.01 2.73
CA ASP B 114 28.64 17.78 2.23
C ASP B 114 27.68 16.64 2.55
N PRO B 115 27.16 15.92 1.56
CA PRO B 115 26.19 14.85 1.85
C PRO B 115 26.76 13.74 2.71
N ARG B 116 28.09 13.59 2.76
CA ARG B 116 28.71 12.53 3.54
C ARG B 116 28.78 12.84 5.03
N ARG B 117 28.62 14.10 5.42
CA ARG B 117 28.65 14.49 6.82
C ARG B 117 27.29 14.38 7.48
N ARG B 118 26.29 13.97 6.76
CA ARG B 118 24.93 14.14 7.23
C ARG B 118 24.41 12.89 7.94
N PRO B 119 23.46 13.01 8.88
CA PRO B 119 23.07 11.79 9.62
C PRO B 119 22.47 10.70 8.74
N TRP B 120 21.69 11.06 7.71
CA TRP B 120 21.09 10.03 6.86
C TRP B 120 22.14 9.27 6.07
N TYR B 121 23.28 9.88 5.77
CA TYR B 121 24.34 9.19 5.05
C TYR B 121 25.05 8.19 5.96
N ASN B 122 25.41 8.62 7.17
CA ASN B 122 26.12 7.73 8.09
C ASN B 122 25.21 6.64 8.62
N ALA B 123 23.91 6.92 8.81
CA ALA B 123 23.00 5.91 9.32
C ALA B 123 22.80 4.77 8.32
N ALA B 124 22.85 5.07 7.02
CA ALA B 124 22.68 4.05 6.01
C ALA B 124 23.96 3.28 5.71
N THR B 125 25.10 3.73 6.23
CA THR B 125 26.36 3.03 6.03
C THR B 125 26.68 2.09 7.19
N SER B 126 26.54 2.57 8.43
CA SER B 126 26.75 1.72 9.59
C SER B 126 25.79 0.54 9.58
N ALA B 127 24.50 0.83 9.44
CA ALA B 127 23.49 -0.20 9.18
C ALA B 127 23.38 -0.34 7.66
N GLY B 128 24.02 -1.38 7.12
CA GLY B 128 24.12 -1.53 5.68
C GLY B 128 22.82 -1.90 4.98
N GLN B 129 21.72 -1.30 5.41
CA GLN B 129 20.41 -1.56 4.83
C GLN B 129 19.56 -0.31 4.94
N THR B 130 18.37 -0.37 4.35
CA THR B 130 17.43 0.74 4.45
C THR B 130 16.99 0.91 5.90
N THR B 131 17.15 2.13 6.42
CA THR B 131 16.83 2.41 7.81
C THR B 131 16.22 3.80 7.90
N LEU B 132 15.72 4.13 9.09
CA LEU B 132 15.18 5.45 9.39
C LEU B 132 16.10 6.15 10.38
N THR B 133 16.32 7.44 10.14
CA THR B 133 17.18 8.24 11.00
C THR B 133 16.38 8.84 12.15
N GLU B 134 17.07 9.08 13.26
CA GLU B 134 16.46 9.84 14.35
C GLU B 134 16.17 11.25 13.87
N PRO B 135 15.13 11.89 14.41
CA PRO B 135 14.72 13.21 13.90
C PRO B 135 15.83 14.25 14.07
N TYR B 136 16.01 15.06 13.02
CA TYR B 136 17.00 16.12 13.01
C TYR B 136 16.37 17.35 12.38
N MET B 137 17.08 18.47 12.47
CA MET B 137 16.60 19.74 11.94
C MET B 137 16.97 19.85 10.46
N GLU B 138 15.99 20.14 9.64
CA GLU B 138 16.23 20.35 8.20
C GLU B 138 16.97 21.66 8.00
N PRO B 139 18.14 21.65 7.35
CA PRO B 139 18.86 22.92 7.11
C PRO B 139 18.21 23.82 6.07
N ALA B 140 17.26 23.31 5.28
CA ALA B 140 16.65 24.12 4.22
C ALA B 140 15.36 24.80 4.68
N ILE B 141 14.36 24.01 5.06
CA ILE B 141 13.07 24.56 5.47
C ILE B 141 12.97 24.78 6.98
N HIS B 142 13.98 24.37 7.75
CA HIS B 142 14.08 24.68 9.17
C HIS B 142 12.91 24.10 9.97
N GLU B 143 12.76 22.78 9.90
CA GLU B 143 11.81 22.07 10.74
C GLU B 143 12.29 20.64 10.93
N LEU B 144 11.82 20.02 12.01
CA LEU B 144 12.25 18.66 12.35
C LEU B 144 11.69 17.66 11.34
N VAL B 145 12.58 16.85 10.77
CA VAL B 145 12.22 15.79 9.84
C VAL B 145 13.02 14.54 10.19
N LEU B 146 12.61 13.42 9.60
CA LEU B 146 13.35 12.17 9.70
C LEU B 146 13.40 11.53 8.32
N THR B 147 14.57 11.00 7.97
CA THR B 147 14.87 10.56 6.61
C THR B 147 14.89 9.04 6.53
N ILE B 148 14.26 8.50 5.50
CA ILE B 148 14.42 7.11 5.11
C ILE B 148 15.62 7.04 4.17
N ALA B 149 16.71 6.44 4.64
CA ALA B 149 17.95 6.36 3.88
C ALA B 149 18.27 4.92 3.55
N SER B 150 18.82 4.70 2.34
CA SER B 150 19.17 3.38 1.87
C SER B 150 20.45 3.48 1.04
N PRO B 151 21.42 2.60 1.28
CA PRO B 151 22.66 2.64 0.49
C PRO B 151 22.46 2.05 -0.89
N ALA B 152 23.08 2.69 -1.88
CA ALA B 152 23.03 2.24 -3.27
C ALA B 152 24.37 1.57 -3.59
N ARG B 153 24.35 0.25 -3.72
CA ARG B 153 25.56 -0.54 -3.92
C ARG B 153 25.63 -1.17 -5.30
N GLN B 154 24.95 -0.59 -6.29
CA GLN B 154 24.92 -1.18 -7.63
C GLN B 154 26.32 -1.36 -8.17
N GLY B 155 26.72 -2.61 -8.37
CA GLY B 155 28.11 -2.95 -8.60
C GLY B 155 28.62 -3.79 -7.44
N GLY B 156 29.92 -3.71 -7.16
CA GLY B 156 30.47 -4.43 -6.03
C GLY B 156 30.41 -3.64 -4.73
N GLN B 157 30.98 -2.43 -4.75
CA GLN B 157 31.08 -1.52 -3.62
C GLN B 157 30.04 -0.41 -3.73
N PRO B 158 29.60 0.14 -2.60
CA PRO B 158 28.59 1.19 -2.65
C PRO B 158 29.14 2.48 -3.23
N PHE B 159 28.28 3.19 -3.96
CA PHE B 159 28.64 4.45 -4.59
C PHE B 159 27.89 5.65 -4.03
N GLY B 160 26.98 5.43 -3.10
CA GLY B 160 26.25 6.55 -2.52
C GLY B 160 25.07 6.08 -1.70
N VAL B 161 24.35 7.06 -1.16
CA VAL B 161 23.19 6.83 -0.31
C VAL B 161 22.01 7.62 -0.85
N VAL B 162 20.85 6.99 -0.92
CA VAL B 162 19.61 7.64 -1.35
C VAL B 162 18.76 7.91 -0.12
N GLY B 163 18.09 9.07 -0.11
CA GLY B 163 17.30 9.47 1.03
C GLY B 163 16.02 10.15 0.63
N GLY B 164 15.07 10.15 1.58
CA GLY B 164 13.80 10.82 1.42
C GLY B 164 13.31 11.37 2.74
N ASP B 165 12.89 12.63 2.76
CA ASP B 165 12.53 13.31 4.00
C ASP B 165 11.04 13.27 4.26
N LEU B 166 10.68 13.20 5.54
CA LEU B 166 9.30 13.19 6.00
C LEU B 166 9.16 14.15 7.17
N SER B 167 8.11 14.97 7.15
CA SER B 167 7.89 15.95 8.20
C SER B 167 7.52 15.26 9.50
N LEU B 168 8.14 15.68 10.61
CA LEU B 168 7.81 15.12 11.91
C LEU B 168 6.38 15.49 12.33
N GLN B 169 5.92 16.68 11.95
CA GLN B 169 4.52 17.03 12.21
C GLN B 169 3.56 16.14 11.45
N THR B 170 3.98 15.63 10.29
CA THR B 170 3.15 14.68 9.56
C THR B 170 3.14 13.32 10.26
N VAL B 171 4.27 12.93 10.84
CA VAL B 171 4.36 11.63 11.49
C VAL B 171 3.60 11.63 12.81
N VAL B 172 3.70 12.73 13.57
CA VAL B 172 3.02 12.79 14.86
C VAL B 172 1.51 12.74 14.70
N LYS B 173 0.98 13.15 13.55
CA LYS B 173 -0.46 13.05 13.31
C LYS B 173 -0.86 11.61 13.00
N ILE B 174 -0.01 10.87 12.29
CA ILE B 174 -0.29 9.46 12.03
C ILE B 174 -0.31 8.67 13.33
N ILE B 175 0.62 8.98 14.24
CA ILE B 175 0.66 8.30 15.53
C ILE B 175 -0.59 8.62 16.34
N ASN B 176 -1.03 9.87 16.31
CA ASN B 176 -2.20 10.31 17.06
C ASN B 176 -3.47 10.31 16.23
N SER B 177 -3.58 9.40 15.26
CA SER B 177 -4.81 9.29 14.49
C SER B 177 -5.98 8.81 15.34
N LEU B 178 -5.72 8.15 16.46
CA LEU B 178 -6.78 7.67 17.33
C LEU B 178 -7.37 8.82 18.14
N ASP B 179 -8.34 8.50 18.98
CA ASP B 179 -9.26 9.52 19.47
C ASP B 179 -8.55 10.62 20.31
N PHE B 180 -7.89 10.33 21.44
CA PHE B 180 -8.01 9.16 22.30
C PHE B 180 -9.32 9.03 23.12
N GLY B 181 -9.90 10.13 23.65
CA GLY B 181 -9.43 11.49 23.49
C GLY B 181 -9.56 12.35 24.74
N GLY B 182 -8.57 13.21 24.95
CA GLY B 182 -8.46 13.96 26.17
C GLY B 182 -7.86 13.19 27.31
N MET B 183 -7.86 11.86 27.25
CA MET B 183 -7.22 11.07 28.30
C MET B 183 -5.70 11.11 28.15
N GLY B 184 -5.20 11.11 26.93
CA GLY B 184 -3.76 11.15 26.74
C GLY B 184 -3.38 11.25 25.27
N TYR B 185 -2.13 10.92 24.99
CA TYR B 185 -1.56 11.03 23.66
C TYR B 185 -0.75 9.79 23.34
N ALA B 186 -0.25 9.72 22.11
CA ALA B 186 0.63 8.64 21.66
C ALA B 186 1.90 9.23 21.07
N PHE B 187 3.02 8.55 21.30
CA PHE B 187 4.31 9.02 20.83
C PHE B 187 5.16 7.82 20.42
N LEU B 188 6.30 8.12 19.80
CA LEU B 188 7.22 7.11 19.31
C LEU B 188 8.53 7.21 20.06
N VAL B 189 8.98 6.11 20.64
CA VAL B 189 10.19 6.07 21.45
C VAL B 189 11.01 4.85 21.05
N SER B 190 12.33 5.00 21.04
CA SER B 190 13.21 3.88 20.73
C SER B 190 13.31 2.93 21.92
N GLY B 191 13.95 1.79 21.69
CA GLY B 191 14.16 0.83 22.76
C GLY B 191 15.10 1.32 23.84
N ASP B 192 15.99 2.26 23.52
CA ASP B 192 16.93 2.81 24.50
C ASP B 192 16.30 3.89 25.36
N GLY B 193 15.07 4.29 25.08
CA GLY B 193 14.40 5.34 25.82
C GLY B 193 14.44 6.71 25.17
N LYS B 194 14.96 6.81 23.95
CA LYS B 194 15.05 8.09 23.26
C LYS B 194 13.71 8.41 22.59
N ILE B 195 13.08 9.50 23.04
CA ILE B 195 11.80 9.90 22.45
C ILE B 195 12.07 10.50 21.08
N LEU B 196 11.45 9.91 20.05
CA LEU B 196 11.69 10.33 18.67
C LEU B 196 10.63 11.32 18.21
N VAL B 197 9.39 10.84 18.09
CA VAL B 197 8.26 11.67 17.65
C VAL B 197 7.33 11.85 18.85
N HIS B 198 7.01 13.12 19.15
CA HIS B 198 6.21 13.44 20.32
C HIS B 198 5.38 14.68 20.03
N PRO B 199 4.13 14.74 20.50
CA PRO B 199 3.34 15.96 20.31
C PRO B 199 3.95 17.18 20.98
N ASP B 200 4.72 16.99 22.04
CA ASP B 200 5.43 18.08 22.71
C ASP B 200 6.83 18.18 22.12
N LYS B 201 7.13 19.31 21.48
CA LYS B 201 8.47 19.54 20.95
C LYS B 201 9.52 19.50 22.05
N ASP B 202 9.17 20.02 23.23
CA ASP B 202 10.11 20.05 24.34
C ASP B 202 10.48 18.67 24.85
N GLN B 203 9.74 17.63 24.47
CA GLN B 203 10.06 16.26 24.86
C GLN B 203 10.66 15.47 23.71
N VAL B 204 10.83 16.07 22.54
CA VAL B 204 11.44 15.39 21.40
C VAL B 204 12.94 15.28 21.62
N MET B 205 13.49 14.11 21.28
CA MET B 205 14.92 13.81 21.41
C MET B 205 15.37 13.90 22.87
N LYS B 206 14.45 13.64 23.80
CA LYS B 206 14.75 13.55 25.22
C LYS B 206 14.61 12.10 25.65
N SER B 207 15.46 11.69 26.58
CA SER B 207 15.34 10.34 27.13
C SER B 207 14.20 10.28 28.14
N LEU B 208 13.69 9.07 28.36
CA LEU B 208 12.67 8.88 29.39
C LEU B 208 13.22 9.23 30.77
N SER B 209 14.53 9.12 30.96
CA SER B 209 15.14 9.55 32.22
C SER B 209 15.05 11.06 32.38
N ASP B 210 14.97 11.80 31.27
CA ASP B 210 14.86 13.25 31.35
C ASP B 210 13.43 13.69 31.65
N VAL B 211 12.45 13.08 30.99
CA VAL B 211 11.06 13.45 31.20
C VAL B 211 10.57 12.98 32.56
N TYR B 212 10.89 11.73 32.90
CA TYR B 212 10.50 11.12 34.17
C TYR B 212 11.75 10.74 34.92
N PRO B 213 12.29 11.64 35.75
CA PRO B 213 13.54 11.35 36.46
C PRO B 213 13.43 10.21 37.45
N ARG B 214 12.36 10.19 38.26
CA ARG B 214 12.13 9.14 39.23
C ARG B 214 10.97 8.28 38.78
N ASN B 215 11.07 6.97 39.05
CA ASN B 215 10.11 5.99 38.56
C ASN B 215 9.99 6.06 37.03
N THR B 216 11.13 6.01 36.36
CA THR B 216 11.15 6.06 34.91
C THR B 216 10.44 4.84 34.34
N PRO B 217 9.46 5.02 33.45
CA PRO B 217 8.72 3.88 32.92
C PRO B 217 9.63 2.94 32.15
N LYS B 218 9.61 1.67 32.54
CA LYS B 218 10.35 0.66 31.80
C LYS B 218 9.61 0.32 30.51
N ILE B 219 10.36 0.12 29.44
CA ILE B 219 9.74 -0.26 28.20
C ILE B 219 9.23 -1.65 28.49
N GLY B 220 8.09 -2.04 27.95
CA GLY B 220 7.53 -3.33 28.25
C GLY B 220 6.10 -3.58 27.80
N SER B 221 5.43 -4.56 28.40
CA SER B 221 5.96 -5.33 29.51
C SER B 221 6.31 -4.43 30.71
N GLY B 222 5.32 -3.75 31.26
CA GLY B 222 3.94 -3.79 30.79
C GLY B 222 3.32 -2.43 30.94
N PHE B 223 3.05 -2.04 32.18
CA PHE B 223 2.49 -0.74 32.46
C PHE B 223 3.30 -0.08 33.57
N SER B 224 3.36 1.24 33.54
CA SER B 224 4.15 1.97 34.52
C SER B 224 3.50 3.31 34.79
N GLU B 225 3.37 3.67 36.07
CA GLU B 225 2.87 4.97 36.47
C GLU B 225 4.04 5.87 36.83
N ALA B 226 4.05 7.08 36.26
CA ALA B 226 5.07 8.06 36.54
C ALA B 226 4.40 9.43 36.65
N GLU B 227 5.13 10.39 37.22
CA GLU B 227 4.57 11.71 37.51
C GLU B 227 5.22 12.75 36.59
N LEU B 228 4.40 13.50 35.88
CA LEU B 228 4.86 14.59 35.04
C LEU B 228 3.98 15.81 35.28
N HIS B 229 4.61 16.95 35.57
CA HIS B 229 3.91 18.22 35.77
C HIS B 229 2.90 18.14 36.92
N GLY B 230 3.22 17.35 37.95
CA GLY B 230 2.37 17.24 39.11
C GLY B 230 1.18 16.32 38.96
N ASN B 231 1.01 15.67 37.81
CA ASN B 231 -0.09 14.75 37.58
C ASN B 231 0.45 13.35 37.36
N THR B 232 -0.12 12.38 38.06
CA THR B 232 0.25 10.99 37.86
C THR B 232 -0.22 10.53 36.48
N ARG B 233 0.70 9.98 35.70
CA ARG B 233 0.44 9.59 34.32
C ARG B 233 0.97 8.19 34.10
N ILE B 234 0.09 7.28 33.71
CA ILE B 234 0.47 5.88 33.48
C ILE B 234 0.80 5.69 32.01
N LEU B 235 1.84 4.91 31.74
CA LEU B 235 2.36 4.74 30.39
C LEU B 235 2.37 3.27 29.99
N SER B 236 2.19 3.04 28.69
CA SER B 236 2.26 1.70 28.10
C SER B 236 2.98 1.80 26.77
N PHE B 237 3.59 0.68 26.36
CA PHE B 237 4.41 0.66 25.16
C PHE B 237 4.05 -0.55 24.30
N SER B 238 4.09 -0.36 22.97
CA SER B 238 3.83 -1.41 22.01
C SER B 238 4.88 -1.29 20.91
N PRO B 239 5.51 -2.39 20.50
CA PRO B 239 6.58 -2.31 19.50
C PRO B 239 6.02 -2.10 18.09
N VAL B 240 6.92 -1.67 17.20
CA VAL B 240 6.59 -1.41 15.81
C VAL B 240 7.12 -2.58 14.98
N LYS B 241 6.21 -3.35 14.39
CA LYS B 241 6.60 -4.48 13.57
C LYS B 241 7.07 -4.01 12.20
N GLY B 242 7.80 -4.89 11.51
CA GLY B 242 8.17 -4.63 10.14
C GLY B 242 9.22 -3.55 9.94
N LEU B 243 10.03 -3.26 10.95
CA LEU B 243 11.11 -2.28 10.84
C LEU B 243 12.43 -3.02 11.00
N SER B 244 13.10 -3.23 9.86
CA SER B 244 14.36 -3.98 9.87
C SER B 244 15.47 -3.15 10.50
N GLY B 245 16.17 -3.73 11.47
CA GLY B 245 17.25 -3.07 12.15
C GLY B 245 16.84 -1.99 13.13
N LEU B 246 15.55 -1.73 13.28
CA LEU B 246 15.05 -0.69 14.18
C LEU B 246 14.19 -1.33 15.26
N ASP B 247 14.48 -1.01 16.51
CA ASP B 247 13.71 -1.48 17.65
C ASP B 247 13.03 -0.28 18.30
N TRP B 248 11.88 0.09 17.75
CA TRP B 248 11.11 1.24 18.21
C TRP B 248 9.82 0.78 18.87
N TYR B 249 9.23 1.68 19.65
CA TYR B 249 8.02 1.39 20.39
C TYR B 249 7.06 2.56 20.29
N ILE B 250 5.76 2.25 20.30
CA ILE B 250 4.71 3.26 20.37
C ILE B 250 4.33 3.43 21.84
N GLY B 251 4.49 4.64 22.34
CA GLY B 251 4.17 4.96 23.73
C GLY B 251 2.77 5.52 23.86
N ILE B 252 2.06 5.09 24.90
CA ILE B 252 0.74 5.58 25.22
C ILE B 252 0.79 6.17 26.63
N SER B 253 0.53 7.47 26.73
CA SER B 253 0.64 8.20 27.99
C SER B 253 -0.69 8.88 28.26
N VAL B 254 -1.43 8.38 29.25
CA VAL B 254 -2.74 8.91 29.60
C VAL B 254 -2.75 9.38 31.05
N ASP B 255 -3.54 10.42 31.31
CA ASP B 255 -3.69 10.97 32.65
C ASP B 255 -4.58 10.03 33.46
N LYS B 256 -4.00 9.42 34.50
CA LYS B 256 -4.72 8.47 35.33
C LYS B 256 -6.00 9.07 35.91
N ASP B 257 -5.87 10.24 36.54
CA ASP B 257 -7.03 10.86 37.17
C ASP B 257 -7.97 11.48 36.15
N LYS B 258 -7.42 12.09 35.11
CA LYS B 258 -8.27 12.57 34.03
C LYS B 258 -8.86 11.28 33.45
N ALA B 259 -8.12 10.21 33.57
CA ALA B 259 -8.56 8.94 33.08
C ALA B 259 -9.55 8.81 34.15
N TYR B 260 -10.38 7.47 34.05
CA TYR B 260 -11.54 7.37 34.95
C TYR B 260 -12.69 8.18 34.38
N ALA B 261 -12.53 8.62 33.26
CA ALA B 261 -13.64 9.16 32.51
C ALA B 261 -14.51 7.99 32.04
N MET B 262 -14.02 6.78 32.29
CA MET B 262 -14.70 5.55 31.93
C MET B 262 -16.04 5.53 32.65
N LEU B 263 -16.04 5.99 33.88
CA LEU B 263 -17.27 6.00 34.64
C LEU B 263 -18.26 6.87 33.95
N THR B 264 -17.82 8.04 33.52
CA THR B 264 -18.73 8.96 32.84
C THR B 264 -19.38 8.28 31.64
N LYS B 265 -18.65 7.39 30.96
CA LYS B 265 -19.12 6.64 29.80
C LYS B 265 -19.74 5.30 30.19
N LEU B 266 -19.71 4.94 31.48
CA LEU B 266 -20.12 3.62 31.96
C LEU B 266 -21.49 3.60 32.63
N ARG B 267 -22.20 4.70 32.45
N ARG B 267 -22.19 4.72 32.49
CA ARG B 267 -23.28 5.13 33.31
CA ARG B 267 -23.33 5.08 33.31
C ARG B 267 -24.57 5.19 32.53
C ARG B 267 -24.60 4.98 32.51
N THR B 268 -24.51 5.15 31.19
CA THR B 268 -25.57 4.47 30.44
C THR B 268 -25.95 3.09 30.96
N SER B 269 -24.97 2.24 31.28
CA SER B 269 -25.25 0.87 31.70
C SER B 269 -25.70 0.75 33.16
N ASP B 270 -25.77 1.85 33.90
CA ASP B 270 -25.88 1.81 35.36
C ASP B 270 -27.29 2.10 35.86
N PRO B 271 -28.14 1.07 36.08
CA PRO B 271 -29.38 1.28 36.81
C PRO B 271 -29.19 0.90 38.26
N ASN B 272 -30.16 0.18 38.83
CA ASN B 272 -30.00 -0.48 40.11
C ASN B 272 -29.47 -1.90 39.97
N SER B 273 -28.76 -2.19 38.87
CA SER B 273 -28.22 -3.51 38.61
C SER B 273 -26.76 -3.64 39.03
N SER B 274 -26.20 -2.61 39.67
CA SER B 274 -24.85 -2.74 40.21
C SER B 274 -24.83 -3.86 41.25
N SER B 275 -23.61 -4.30 41.58
CA SER B 275 -23.46 -5.49 42.42
C SER B 275 -24.01 -5.28 43.82
N VAL B 276 -23.91 -4.06 44.36
CA VAL B 276 -24.39 -3.81 45.72
C VAL B 276 -25.90 -3.96 45.79
N ASP B 277 -26.61 -3.44 44.80
CA ASP B 277 -28.06 -3.62 44.77
C ASP B 277 -28.44 -5.08 44.56
N LYS B 278 -27.63 -5.82 43.80
CA LYS B 278 -27.80 -7.27 43.78
C LYS B 278 -27.46 -7.88 45.13
N LEU B 279 -26.48 -7.29 45.84
CA LEU B 279 -26.16 -7.74 47.19
C LEU B 279 -27.30 -7.43 48.16
N ALA B 280 -27.72 -6.16 48.20
CA ALA B 280 -28.74 -5.73 49.15
C ALA B 280 -30.05 -6.50 49.00
N ALA B 281 -30.31 -7.08 47.83
CA ALA B 281 -31.52 -7.87 47.65
C ALA B 281 -31.42 -9.22 48.35
N ALA B 282 -30.21 -9.79 48.40
CA ALA B 282 -30.05 -11.11 49.02
C ALA B 282 -30.26 -11.06 50.53
N LEU B 283 -29.88 -9.96 51.17
CA LEU B 283 -30.05 -9.81 52.62
C LEU B 283 -31.36 -9.12 52.94
N GLU B 284 -32.45 -9.76 52.51
CA GLU B 284 -33.80 -9.28 52.77
C GLU B 284 -34.03 -7.86 52.27
#